data_4IRF
#
_entry.id   4IRF
#
_cell.length_a   31.780
_cell.length_b   92.080
_cell.length_c   96.980
_cell.angle_alpha   90.00
_cell.angle_beta   90.00
_cell.angle_gamma   90.00
#
_symmetry.space_group_name_H-M   'P 2 21 21'
#
loop_
_entity.id
_entity.type
_entity.pdbx_description
1 polymer 'MALARIAL CLPB2 ATPASE/HSP101 PROTEIN'
2 water water
#
_entity_poly.entity_id   1
_entity_poly.type   'polypeptide(L)'
_entity_poly.pdbx_seq_one_letter_code
;MAPDNKQEQGKYLNRTINILNAGKNIAKSYGHNKLKPIHILSALAKSDYGSTLFKENNVNAANLKEYIDIALEQTRAGAP
LDNKSKIVNSAEVKETLALAEAAANKYKSPKVDVEHLLSGLSNDELVNEIFNEVYLTDEAIKAILKRKFEKTLVPR
;
_entity_poly.pdbx_strand_id   A,B
#
# COMPACT_ATOMS: atom_id res chain seq x y z
N GLN A 9 17.45 -14.58 14.52
CA GLN A 9 17.21 -13.16 14.60
C GLN A 9 17.01 -12.53 13.20
N GLY A 10 16.35 -11.37 13.12
CA GLY A 10 16.08 -10.64 11.85
C GLY A 10 14.67 -10.02 11.58
N LYS A 11 14.53 -8.93 10.85
CA LYS A 11 13.20 -8.33 10.65
C LYS A 11 12.21 -9.22 9.84
N TYR A 12 12.73 -10.10 9.02
CA TYR A 12 11.91 -11.01 8.28
C TYR A 12 11.93 -12.31 8.93
N LEU A 13 10.78 -12.95 9.08
CA LEU A 13 10.77 -14.31 9.55
C LEU A 13 11.42 -15.27 8.57
N ASN A 14 11.87 -16.38 9.10
CA ASN A 14 12.42 -17.42 8.27
C ASN A 14 11.52 -17.85 7.17
N ARG A 15 10.27 -18.08 7.51
CA ARG A 15 9.35 -18.56 6.50
C ARG A 15 9.14 -17.54 5.41
N THR A 16 9.32 -16.26 5.73
CA THR A 16 9.15 -15.22 4.73
C THR A 16 10.35 -15.24 3.78
N ILE A 17 11.54 -15.34 4.37
CA ILE A 17 12.79 -15.42 3.60
C ILE A 17 12.77 -16.67 2.71
N ASN A 18 12.29 -17.80 3.25
CA ASN A 18 12.22 -19.02 2.46
C ASN A 18 11.32 -18.90 1.24
N ILE A 19 10.20 -18.20 1.40
CA ILE A 19 9.35 -17.89 0.27
C ILE A 19 10.10 -17.05 -0.77
N LEU A 20 10.80 -16.02 -0.30
CA LEU A 20 11.57 -15.18 -1.22
C LEU A 20 12.64 -15.98 -1.95
N ASN A 21 13.37 -16.84 -1.23
CA ASN A 21 14.38 -17.67 -1.90
C ASN A 21 13.78 -18.70 -2.86
N ALA A 22 12.63 -19.26 -2.51
CA ALA A 22 11.97 -20.17 -3.45
C ALA A 22 11.52 -19.39 -4.68
N GLY A 23 11.10 -18.14 -4.45
CA GLY A 23 10.72 -17.27 -5.53
C GLY A 23 11.86 -17.06 -6.52
N LYS A 24 13.08 -16.89 -6.04
CA LYS A 24 14.22 -16.72 -6.94
C LYS A 24 14.43 -17.95 -7.81
N ASN A 25 14.26 -19.12 -7.23
CA ASN A 25 14.37 -20.34 -8.04
C ASN A 25 13.28 -20.44 -9.12
N ILE A 26 12.09 -19.99 -8.79
CA ILE A 26 11.01 -20.00 -9.77
C ILE A 26 11.34 -18.98 -10.87
N ALA A 27 11.87 -17.83 -10.46
CA ALA A 27 12.26 -16.82 -11.42
C ALA A 27 13.28 -17.39 -12.40
N LYS A 28 14.30 -18.05 -11.89
CA LYS A 28 15.31 -18.58 -12.81
C LYS A 28 14.67 -19.61 -13.77
N SER A 29 13.76 -20.40 -13.25
CA SER A 29 13.11 -21.42 -14.08
C SER A 29 12.37 -20.81 -15.26
N TYR A 30 11.90 -19.58 -15.09
CA TYR A 30 11.21 -18.84 -16.15
C TYR A 30 12.15 -17.87 -16.86
N GLY A 31 13.45 -18.12 -16.72
CA GLY A 31 14.48 -17.42 -17.45
C GLY A 31 14.68 -15.99 -17.01
N HIS A 32 14.25 -15.66 -15.78
CA HIS A 32 14.40 -14.30 -15.27
C HIS A 32 15.63 -14.18 -14.40
N ASN A 33 16.47 -13.17 -14.64
CA ASN A 33 17.53 -12.83 -13.71
C ASN A 33 17.08 -11.75 -12.71
N LYS A 34 15.82 -11.35 -12.77
CA LYS A 34 15.24 -10.46 -11.77
C LYS A 34 13.99 -11.10 -11.19
N LEU A 35 13.98 -11.21 -9.86
CA LEU A 35 12.80 -11.70 -9.14
C LEU A 35 11.65 -10.72 -9.29
N LYS A 36 10.47 -11.24 -9.63
CA LYS A 36 9.26 -10.45 -9.89
C LYS A 36 8.15 -10.87 -8.90
N PRO A 37 7.17 -9.99 -8.66
CA PRO A 37 6.12 -10.36 -7.68
C PRO A 37 5.40 -11.66 -8.02
N ILE A 38 5.09 -11.92 -9.29
CA ILE A 38 4.43 -13.19 -9.67
C ILE A 38 5.24 -14.38 -9.22
N HIS A 39 6.57 -14.29 -9.29
CA HIS A 39 7.41 -15.40 -8.82
C HIS A 39 7.31 -15.63 -7.33
N ILE A 40 7.22 -14.52 -6.57
CA ILE A 40 7.06 -14.61 -5.14
C ILE A 40 5.70 -15.22 -4.82
N LEU A 41 4.67 -14.77 -5.57
CA LEU A 41 3.30 -15.34 -5.37
C LEU A 41 3.30 -16.87 -5.59
N SER A 42 3.98 -17.33 -6.65
CA SER A 42 4.05 -18.78 -6.93
C SER A 42 4.61 -19.49 -5.70
N ALA A 43 5.72 -18.96 -5.17
CA ALA A 43 6.36 -19.51 -3.97
C ALA A 43 5.47 -19.48 -2.71
N LEU A 44 4.74 -18.39 -2.54
CA LEU A 44 3.93 -18.19 -1.35
C LEU A 44 2.79 -19.20 -1.39
N ALA A 45 2.14 -19.30 -2.56
CA ALA A 45 0.99 -20.21 -2.74
C ALA A 45 1.38 -21.65 -2.41
N LYS A 46 2.61 -22.03 -2.74
CA LYS A 46 3.02 -23.41 -2.53
C LYS A 46 3.69 -23.71 -1.19
N SER A 47 4.04 -22.67 -0.43
CA SER A 47 4.65 -22.88 0.86
C SER A 47 3.68 -23.50 1.87
N ASP A 48 4.24 -24.05 2.95
CA ASP A 48 3.43 -24.61 4.04
C ASP A 48 2.46 -23.57 4.58
N TYR A 49 3.00 -22.40 4.94
CA TYR A 49 2.20 -21.41 5.64
C TYR A 49 1.25 -20.71 4.67
N GLY A 50 1.78 -20.33 3.51
CA GLY A 50 0.96 -19.70 2.51
C GLY A 50 -0.22 -20.56 2.04
N SER A 51 0.02 -21.87 1.89
CA SER A 51 -1.06 -22.73 1.38
C SER A 51 -2.19 -22.87 2.39
N THR A 52 -1.80 -23.02 3.66
CA THR A 52 -2.76 -23.01 4.75
C THR A 52 -3.53 -21.67 4.84
N LEU A 53 -2.83 -20.56 4.66
CA LEU A 53 -3.48 -19.26 4.65
C LEU A 53 -4.60 -19.15 3.62
N PHE A 54 -4.30 -19.57 2.38
CA PHE A 54 -5.24 -19.45 1.29
C PHE A 54 -6.43 -20.37 1.53
N LYS A 55 -6.14 -21.55 2.09
CA LYS A 55 -7.18 -22.54 2.40
C LYS A 55 -8.22 -21.94 3.33
N GLU A 56 -7.75 -21.39 4.45
CA GLU A 56 -8.62 -20.77 5.45
C GLU A 56 -9.46 -19.62 4.93
N ASN A 57 -9.04 -19.04 3.82
CA ASN A 57 -9.75 -17.91 3.27
C ASN A 57 -10.55 -18.28 2.02
N ASN A 58 -10.41 -19.54 2.41
CA ASN A 58 -11.30 -20.12 1.40
C ASN A 58 -10.94 -19.73 -0.02
N VAL A 59 -9.78 -19.64 -0.63
CA VAL A 59 -9.12 -19.53 -1.92
C VAL A 59 -8.87 -20.96 -2.38
N ASN A 60 -9.46 -21.38 -3.48
CA ASN A 60 -9.26 -22.71 -3.99
C ASN A 60 -7.83 -22.83 -4.47
N ALA A 61 -7.13 -23.75 -3.88
CA ALA A 61 -5.71 -23.96 -4.16
C ALA A 61 -5.45 -24.32 -5.61
N ALA A 62 -6.30 -25.17 -6.20
CA ALA A 62 -6.07 -25.59 -7.57
C ALA A 62 -6.28 -24.46 -8.55
N ASN A 63 -7.29 -23.68 -8.30
CA ASN A 63 -7.64 -22.63 -9.20
C ASN A 63 -6.61 -21.48 -9.14
N LEU A 64 -6.12 -21.23 -7.96
CA LEU A 64 -5.09 -20.19 -7.75
C LEU A 64 -3.79 -20.61 -8.45
N LYS A 65 -3.35 -21.84 -8.24
CA LYS A 65 -2.11 -22.35 -8.89
C LYS A 65 -2.21 -22.29 -10.41
N GLU A 66 -3.41 -22.52 -10.92
CA GLU A 66 -3.67 -22.48 -12.35
C GLU A 66 -3.56 -21.05 -12.90
N TYR A 67 -4.09 -20.07 -12.16
CA TYR A 67 -3.93 -18.67 -12.55
C TYR A 67 -2.46 -18.28 -12.51
N ILE A 68 -1.76 -18.77 -11.48
CA ILE A 68 -0.37 -18.36 -11.28
C ILE A 68 0.50 -18.90 -12.42
N ASP A 69 0.28 -20.17 -12.76
CA ASP A 69 1.06 -20.82 -13.80
C ASP A 69 0.81 -20.20 -15.17
N ILE A 70 -0.44 -19.82 -15.45
CA ILE A 70 -0.73 -19.07 -16.67
C ILE A 70 0.05 -17.75 -16.75
N ALA A 71 0.08 -17.01 -15.64
CA ALA A 71 0.80 -15.74 -15.57
C ALA A 71 2.31 -15.93 -15.63
N LEU A 72 2.82 -16.99 -14.98
CA LEU A 72 4.24 -17.33 -15.06
C LEU A 72 4.65 -17.57 -16.50
N GLU A 73 3.80 -18.26 -17.27
CA GLU A 73 4.19 -18.62 -18.64
C GLU A 73 4.11 -17.40 -19.55
N GLN A 74 3.05 -16.62 -19.38
CA GLN A 74 2.89 -15.37 -20.15
C GLN A 74 4.07 -14.41 -19.99
N THR A 75 4.66 -14.40 -18.80
CA THR A 75 5.72 -13.46 -18.50
C THR A 75 7.11 -14.07 -18.56
N ARG A 76 7.19 -15.30 -19.09
CA ARG A 76 8.46 -16.04 -19.22
C ARG A 76 9.48 -15.21 -19.99
N ALA A 77 10.71 -15.16 -19.48
CA ALA A 77 11.74 -14.32 -20.07
C ALA A 77 12.76 -15.14 -20.87
N GLY A 78 12.68 -16.45 -20.72
CA GLY A 78 13.60 -17.36 -21.41
C GLY A 78 13.50 -18.79 -20.92
N ALA A 79 14.30 -19.67 -21.51
CA ALA A 79 14.46 -21.03 -21.01
C ALA A 79 15.05 -20.97 -19.59
N PRO A 80 14.86 -22.04 -18.80
CA PRO A 80 15.46 -22.03 -17.45
C PRO A 80 16.94 -21.61 -17.42
N LEU A 81 17.30 -20.71 -16.51
CA LEU A 81 18.69 -20.31 -16.33
C LEU A 81 19.38 -21.35 -15.44
N ASP A 82 20.70 -21.49 -15.60
CA ASP A 82 21.46 -22.37 -14.72
C ASP A 82 21.22 -21.99 -13.27
N ASN A 83 20.82 -22.96 -12.45
CA ASN A 83 20.54 -22.67 -11.05
C ASN A 83 21.80 -22.34 -10.23
N LYS A 84 22.81 -21.82 -10.94
CA LYS A 84 23.98 -21.17 -10.33
C LYS A 84 24.25 -19.88 -11.10
N SER A 85 23.19 -19.26 -11.63
CA SER A 85 23.32 -17.93 -12.23
C SER A 85 22.74 -16.89 -11.29
N LYS A 86 22.99 -15.62 -11.59
CA LYS A 86 22.71 -14.55 -10.62
C LYS A 86 21.33 -13.92 -10.77
N ILE A 87 20.65 -13.78 -9.64
CA ILE A 87 19.31 -13.21 -9.64
C ILE A 87 19.15 -12.13 -8.57
N VAL A 88 18.60 -10.99 -8.96
CA VAL A 88 18.48 -9.83 -8.09
C VAL A 88 17.01 -9.46 -7.95
N ASN A 89 16.66 -8.71 -6.91
CA ASN A 89 15.29 -8.21 -6.80
C ASN A 89 15.03 -7.17 -7.84
N SER A 90 13.93 -7.31 -8.58
CA SER A 90 13.42 -6.24 -9.43
C SER A 90 13.04 -5.05 -8.57
N ALA A 91 12.90 -3.89 -9.22
CA ALA A 91 12.40 -2.70 -8.54
C ALA A 91 10.99 -2.94 -8.02
N GLU A 92 10.20 -3.76 -8.75
CA GLU A 92 8.85 -4.12 -8.34
C GLU A 92 8.85 -4.86 -7.01
N VAL A 93 9.77 -5.81 -6.87
CA VAL A 93 9.93 -6.55 -5.63
C VAL A 93 10.50 -5.68 -4.49
N LYS A 94 11.40 -4.76 -4.79
CA LYS A 94 11.85 -3.87 -3.73
C LYS A 94 10.65 -3.14 -3.14
N GLU A 95 9.72 -2.77 -4.01
CA GLU A 95 8.46 -2.21 -3.55
C GLU A 95 7.56 -3.16 -2.77
N THR A 96 7.37 -4.38 -3.28
CA THR A 96 6.70 -5.42 -2.52
C THR A 96 7.16 -5.44 -1.06
N LEU A 97 8.49 -5.43 -0.86
CA LEU A 97 9.08 -5.57 0.47
C LEU A 97 8.90 -4.30 1.29
N ALA A 98 9.01 -3.13 0.64
CA ALA A 98 8.74 -1.89 1.35
C ALA A 98 7.31 -1.82 1.84
N LEU A 99 6.37 -2.27 1.00
CA LEU A 99 4.97 -2.29 1.42
C LEU A 99 4.68 -3.36 2.49
N ALA A 100 5.29 -4.53 2.37
CA ALA A 100 5.22 -5.55 3.42
C ALA A 100 5.69 -5.06 4.77
N GLU A 101 6.84 -4.38 4.75
CA GLU A 101 7.38 -3.76 5.95
C GLU A 101 6.44 -2.70 6.51
N ALA A 102 5.87 -1.88 5.64
CA ALA A 102 4.94 -0.85 6.10
C ALA A 102 3.69 -1.46 6.73
N ALA A 103 3.19 -2.53 6.11
CA ALA A 103 1.98 -3.20 6.62
C ALA A 103 2.27 -3.85 7.95
N ALA A 104 3.44 -4.49 8.09
CA ALA A 104 3.82 -5.12 9.35
C ALA A 104 3.91 -4.07 10.47
N ASN A 105 4.55 -3.00 10.11
CA ASN A 105 4.63 -1.91 11.22
CA ASN A 105 4.58 -1.97 11.10
C ASN A 105 3.21 -1.28 11.68
N LYS A 106 2.41 -1.21 10.59
CA LYS A 106 1.06 -0.70 10.86
C LYS A 106 0.27 -1.62 11.81
N TYR A 107 0.41 -2.94 11.62
CA TYR A 107 -0.30 -3.91 12.46
C TYR A 107 0.52 -4.34 13.66
N LYS A 108 1.51 -3.54 13.98
N LYS A 108 1.61 -3.53 14.01
CA LYS A 108 2.28 -3.64 15.15
CA LYS A 108 2.38 -3.63 15.18
C LYS A 108 3.03 -4.98 15.28
C LYS A 108 3.12 -4.97 15.31
N SER A 109 3.38 -5.58 14.16
CA SER A 109 4.21 -6.78 14.11
C SER A 109 5.70 -6.40 14.03
N PRO A 110 6.51 -6.90 14.96
CA PRO A 110 7.94 -6.58 14.93
C PRO A 110 8.68 -7.37 13.83
N LYS A 111 8.01 -8.37 13.26
CA LYS A 111 8.56 -9.08 12.09
C LYS A 111 7.61 -9.08 10.88
N VAL A 112 8.20 -9.23 9.69
CA VAL A 112 7.45 -9.33 8.46
C VAL A 112 7.08 -10.80 8.22
N ASP A 113 5.79 -11.11 8.26
CA ASP A 113 5.31 -12.48 8.08
C ASP A 113 4.68 -12.63 6.70
N VAL A 114 4.20 -13.83 6.42
CA VAL A 114 3.60 -14.12 5.12
C VAL A 114 2.41 -13.26 4.76
N GLU A 115 1.54 -12.93 5.74
CA GLU A 115 0.39 -12.09 5.43
C GLU A 115 0.83 -10.70 4.99
N HIS A 116 1.93 -10.22 5.56
CA HIS A 116 2.43 -8.88 5.22
C HIS A 116 3.02 -8.87 3.81
N LEU A 117 3.70 -9.96 3.47
CA LEU A 117 4.18 -10.16 2.11
C LEU A 117 3.00 -10.25 1.17
N LEU A 118 1.94 -10.96 1.60
CA LEU A 118 0.74 -11.05 0.77
C LEU A 118 0.18 -9.66 0.48
N SER A 119 0.14 -8.79 1.50
CA SER A 119 -0.39 -7.45 1.33
C SER A 119 0.48 -6.68 0.33
N GLY A 120 1.79 -6.83 0.47
CA GLY A 120 2.73 -6.17 -0.44
C GLY A 120 2.57 -6.62 -1.87
N LEU A 121 2.41 -7.92 -2.06
CA LEU A 121 2.22 -8.49 -3.40
C LEU A 121 0.98 -7.96 -4.10
N SER A 122 -0.05 -7.61 -3.32
CA SER A 122 -1.27 -7.12 -3.90
C SER A 122 -1.10 -5.78 -4.65
N ASN A 123 0.04 -5.08 -4.43
CA ASN A 123 0.32 -3.88 -5.22
C ASN A 123 0.61 -4.19 -6.68
N ASP A 124 1.20 -5.35 -6.94
CA ASP A 124 1.58 -5.68 -8.30
C ASP A 124 0.34 -5.90 -9.16
N GLU A 125 0.32 -5.31 -10.35
CA GLU A 125 -0.90 -5.36 -11.18
C GLU A 125 -1.26 -6.77 -11.62
N LEU A 126 -0.26 -7.55 -12.02
CA LEU A 126 -0.48 -8.93 -12.43
C LEU A 126 -0.97 -9.77 -11.27
N VAL A 127 -0.34 -9.62 -10.11
CA VAL A 127 -0.73 -10.40 -8.93
C VAL A 127 -2.11 -9.95 -8.51
N ASN A 128 -2.37 -8.64 -8.56
CA ASN A 128 -3.66 -8.18 -8.10
C ASN A 128 -4.82 -8.64 -9.01
N GLU A 129 -4.56 -8.77 -10.30
CA GLU A 129 -5.56 -9.33 -11.22
C GLU A 129 -5.92 -10.72 -10.74
N ILE A 130 -4.89 -11.49 -10.42
CA ILE A 130 -5.11 -12.86 -9.97
C ILE A 130 -5.94 -12.90 -8.68
N PHE A 131 -5.51 -12.13 -7.68
CA PHE A 131 -6.27 -12.04 -6.43
C PHE A 131 -7.75 -11.71 -6.68
N ASN A 132 -8.01 -10.76 -7.57
CA ASN A 132 -9.39 -10.33 -7.78
C ASN A 132 -10.21 -11.41 -8.47
N GLU A 133 -9.53 -12.34 -9.13
CA GLU A 133 -10.22 -13.43 -9.81
C GLU A 133 -10.48 -14.63 -8.92
N VAL A 134 -9.75 -14.75 -7.84
CA VAL A 134 -10.03 -15.73 -6.85
C VAL A 134 -10.74 -15.09 -5.67
N TYR A 135 -11.27 -13.91 -5.89
CA TYR A 135 -12.13 -13.28 -4.94
C TYR A 135 -11.42 -12.95 -3.65
N LEU A 136 -10.14 -12.69 -3.74
CA LEU A 136 -9.39 -12.17 -2.63
C LEU A 136 -9.19 -10.70 -2.87
N THR A 137 -10.07 -9.88 -2.33
CA THR A 137 -10.03 -8.43 -2.53
C THR A 137 -9.12 -7.73 -1.52
N ASP A 138 -8.93 -6.44 -1.75
CA ASP A 138 -8.16 -5.59 -0.83
C ASP A 138 -8.77 -5.59 0.55
N GLU A 139 -10.10 -5.53 0.62
CA GLU A 139 -10.83 -5.60 1.87
C GLU A 139 -10.56 -6.92 2.59
N ALA A 140 -10.54 -8.03 1.82
CA ALA A 140 -10.28 -9.33 2.39
C ALA A 140 -8.86 -9.42 2.96
N ILE A 141 -7.98 -8.82 2.17
CA ILE A 141 -6.53 -8.84 2.68
CA ILE A 141 -6.66 -8.78 2.70
C ILE A 141 -6.28 -8.09 4.13
N LYS A 142 -6.91 -6.91 4.10
CA LYS A 142 -6.92 -6.14 5.34
C LYS A 142 -7.48 -6.95 6.48
N ALA A 143 -8.56 -7.69 6.20
CA ALA A 143 -9.18 -8.51 7.24
C ALA A 143 -8.26 -9.62 7.72
N ILE A 144 -7.54 -10.27 6.78
CA ILE A 144 -6.53 -11.23 7.15
C ILE A 144 -5.49 -10.60 8.09
N LEU A 145 -5.05 -9.39 7.73
CA LEU A 145 -4.06 -8.69 8.52
C LEU A 145 -4.59 -8.30 9.88
N LYS A 146 -5.84 -7.82 9.90
CA LYS A 146 -6.52 -7.43 11.15
C LYS A 146 -6.69 -8.65 12.05
N ARG A 147 -7.09 -9.80 11.52
CA ARG A 147 -7.21 -10.98 12.36
C ARG A 147 -5.92 -11.50 12.89
N LYS A 148 -4.93 -11.40 12.11
CA LYS A 148 -3.64 -11.82 12.58
C LYS A 148 -3.21 -10.97 13.76
N PHE A 149 -3.36 -9.67 13.70
CA PHE A 149 -2.96 -8.83 14.82
C PHE A 149 -3.72 -9.23 16.13
N GLU A 150 -5.00 -9.43 15.90
CA GLU A 150 -5.90 -9.67 17.01
C GLU A 150 -5.62 -10.96 17.70
N LYS A 151 -4.97 -11.91 17.03
CA LYS A 151 -4.61 -13.17 17.66
C LYS A 151 -3.44 -12.99 18.57
N THR A 152 -2.77 -11.87 18.43
CA THR A 152 -1.70 -11.41 19.26
C THR A 152 -2.19 -10.95 20.66
N LEU A 153 -3.46 -10.69 20.78
CA LEU A 153 -3.97 -9.97 21.93
C LEU A 153 -4.68 -10.87 22.93
N GLN B 9 15.43 18.70 -5.99
CA GLN B 9 15.92 17.34 -6.07
C GLN B 9 15.25 16.44 -5.09
N GLY B 10 15.06 15.18 -5.48
CA GLY B 10 14.40 14.21 -4.64
C GLY B 10 13.08 13.66 -5.12
N LYS B 11 12.66 12.55 -4.55
CA LYS B 11 11.51 11.77 -4.99
C LYS B 11 10.16 12.45 -4.85
N TYR B 12 10.00 13.28 -3.85
CA TYR B 12 8.74 13.93 -3.57
C TYR B 12 8.70 15.35 -4.13
N LEU B 13 7.60 15.72 -4.76
CA LEU B 13 7.45 17.10 -5.23
C LEU B 13 7.30 18.05 -4.06
N ASN B 14 7.62 19.31 -4.25
CA ASN B 14 7.34 20.31 -3.25
C ASN B 14 5.97 20.43 -2.79
N ARG B 15 5.05 20.52 -3.73
CA ARG B 15 3.69 20.66 -3.38
C ARG B 15 3.23 19.46 -2.55
N THR B 16 3.91 18.32 -2.64
CA THR B 16 3.53 17.15 -1.86
C THR B 16 4.04 17.31 -0.44
N ILE B 17 5.28 17.69 -0.35
CA ILE B 17 5.94 17.98 0.91
C ILE B 17 5.19 19.08 1.68
N ASN B 18 4.78 20.14 0.99
CA ASN B 18 4.05 21.22 1.64
C ASN B 18 2.73 20.78 2.26
N ILE B 19 2.04 19.85 1.60
CA ILE B 19 0.84 19.27 2.17
C ILE B 19 1.19 18.50 3.43
N LEU B 20 2.25 17.69 3.36
CA LEU B 20 2.72 16.95 4.54
C LEU B 20 3.06 17.86 5.70
N ASN B 21 3.82 18.93 5.44
CA ASN B 21 4.17 19.86 6.50
C ASN B 21 2.96 20.64 7.05
N ALA B 22 2.00 20.98 6.19
CA ALA B 22 0.77 21.62 6.66
C ALA B 22 -0.02 20.61 7.49
N GLY B 23 0.05 19.34 7.09
CA GLY B 23 -0.60 18.30 7.88
C GLY B 23 -0.05 18.20 9.29
N LYS B 24 1.27 18.34 9.45
CA LYS B 24 1.85 18.34 10.79
C LYS B 24 1.32 19.48 11.65
N ASN B 25 1.13 20.66 11.06
CA ASN B 25 0.61 21.76 11.86
C ASN B 25 -0.82 21.51 12.28
N ILE B 26 -1.58 20.85 11.40
CA ILE B 26 -2.96 20.52 11.73
C ILE B 26 -2.99 19.48 12.87
N ALA B 27 -2.07 18.50 12.79
CA ALA B 27 -1.95 17.49 13.83
C ALA B 27 -1.65 18.13 15.18
N LYS B 28 -0.68 19.04 15.24
CA LYS B 28 -0.36 19.71 16.50
C LYS B 28 -1.53 20.50 17.04
N SER B 29 -2.32 21.09 16.14
N SER B 29 -2.22 21.10 16.17
CA SER B 29 -3.49 21.88 16.53
CA SER B 29 -3.40 21.89 16.55
C SER B 29 -4.55 21.02 17.21
C SER B 29 -4.46 21.02 17.23
N TYR B 30 -4.58 19.73 16.85
CA TYR B 30 -5.50 18.77 17.47
C TYR B 30 -4.80 17.97 18.57
N GLY B 31 -3.67 18.48 19.03
CA GLY B 31 -2.97 17.91 20.17
C GLY B 31 -2.24 16.60 19.93
N HIS B 32 -1.97 16.32 18.66
CA HIS B 32 -1.25 15.10 18.27
C HIS B 32 0.23 15.33 18.14
N ASN B 33 1.02 14.43 18.71
CA ASN B 33 2.45 14.42 18.39
C ASN B 33 2.79 13.35 17.36
N LYS B 34 1.78 12.68 16.84
CA LYS B 34 1.91 11.84 15.64
C LYS B 34 1.02 12.26 14.51
N LEU B 35 1.57 12.44 13.32
CA LEU B 35 0.80 12.83 12.14
C LEU B 35 0.00 11.63 11.69
N LYS B 36 -1.29 11.84 11.49
CA LYS B 36 -2.25 10.78 11.05
C LYS B 36 -2.79 11.11 9.67
N PRO B 37 -3.32 10.11 8.96
CA PRO B 37 -3.81 10.38 7.61
C PRO B 37 -4.87 11.45 7.51
N ILE B 38 -5.77 11.52 8.49
CA ILE B 38 -6.85 12.51 8.46
C ILE B 38 -6.26 13.93 8.46
N HIS B 39 -5.14 14.11 9.17
CA HIS B 39 -4.44 15.42 9.18
C HIS B 39 -3.88 15.76 7.82
N ILE B 40 -3.29 14.79 7.16
CA ILE B 40 -2.84 15.02 5.80
C ILE B 40 -4.01 15.34 4.87
N LEU B 41 -5.15 14.66 5.06
CA LEU B 41 -6.29 14.90 4.19
C LEU B 41 -6.80 16.33 4.36
N SER B 42 -6.82 16.81 5.61
CA SER B 42 -7.25 18.18 5.91
C SER B 42 -6.40 19.13 5.08
N ALA B 43 -5.08 18.93 5.16
CA ALA B 43 -4.11 19.76 4.43
C ALA B 43 -4.25 19.64 2.92
N LEU B 44 -4.48 18.43 2.43
CA LEU B 44 -4.62 18.22 1.01
C LEU B 44 -5.88 18.93 0.45
N ALA B 45 -7.01 18.76 1.14
CA ALA B 45 -8.29 19.37 0.77
C ALA B 45 -8.17 20.89 0.68
N LYS B 46 -7.33 21.48 1.54
CA LYS B 46 -7.22 22.95 1.55
C LYS B 46 -6.10 23.53 0.70
N SER B 47 -5.20 22.68 0.22
CA SER B 47 -4.10 23.13 -0.64
C SER B 47 -4.61 23.64 -2.00
N ASP B 48 -3.80 24.45 -2.66
CA ASP B 48 -4.13 24.96 -4.00
C ASP B 48 -4.44 23.79 -4.94
N TYR B 49 -3.53 22.83 -5.00
CA TYR B 49 -3.63 21.74 -5.96
C TYR B 49 -4.72 20.75 -5.55
N GLY B 50 -4.71 20.33 -4.29
CA GLY B 50 -5.75 19.46 -3.78
C GLY B 50 -7.16 19.98 -3.96
N SER B 51 -7.40 21.26 -3.69
CA SER B 51 -8.75 21.82 -3.77
C SER B 51 -9.29 21.83 -5.19
N THR B 52 -8.43 22.04 -6.13
CA THR B 52 -8.79 21.92 -7.49
C THR B 52 -9.18 20.51 -7.93
N LEU B 53 -8.46 19.51 -7.43
CA LEU B 53 -8.72 18.15 -7.82
C LEU B 53 -10.09 17.73 -7.37
N PHE B 54 -10.40 18.09 -6.15
CA PHE B 54 -11.67 17.72 -5.61
C PHE B 54 -12.77 18.35 -6.42
N LYS B 55 -12.61 19.61 -6.78
CA LYS B 55 -13.66 20.29 -7.49
C LYS B 55 -13.85 19.68 -8.87
N GLU B 56 -12.77 19.31 -9.51
CA GLU B 56 -12.85 18.72 -10.84
C GLU B 56 -13.57 17.43 -10.81
N ASN B 57 -13.52 16.78 -9.69
CA ASN B 57 -14.11 15.49 -9.57
C ASN B 57 -15.45 15.57 -8.90
N ASN B 58 -16.01 16.75 -8.94
CA ASN B 58 -17.35 16.96 -8.39
C ASN B 58 -17.45 16.66 -6.90
N VAL B 59 -16.31 16.72 -6.20
CA VAL B 59 -16.33 16.62 -4.75
C VAL B 59 -16.68 18.00 -4.22
N ASN B 60 -17.83 18.12 -3.56
CA ASN B 60 -18.24 19.40 -2.98
C ASN B 60 -17.25 19.80 -1.88
N ALA B 61 -16.59 20.93 -2.08
CA ALA B 61 -15.56 21.38 -1.16
C ALA B 61 -16.09 21.63 0.25
N ALA B 62 -17.30 22.19 0.35
CA ALA B 62 -17.86 22.51 1.65
C ALA B 62 -18.23 21.25 2.41
N ASN B 63 -18.87 20.29 1.73
CA ASN B 63 -19.26 19.03 2.36
C ASN B 63 -18.07 18.19 2.80
N LEU B 64 -17.02 18.15 1.97
CA LEU B 64 -15.79 17.45 2.30
C LEU B 64 -15.12 18.04 3.53
N LYS B 65 -14.94 19.37 3.56
CA LYS B 65 -14.32 20.03 4.72
C LYS B 65 -15.08 19.78 6.01
N GLU B 66 -16.40 19.68 5.87
CA GLU B 66 -17.28 19.42 6.99
C GLU B 66 -17.11 17.99 7.52
N TYR B 67 -16.95 17.05 6.61
CA TYR B 67 -16.65 15.70 6.99
C TYR B 67 -15.28 15.60 7.66
N ILE B 68 -14.32 16.32 7.14
CA ILE B 68 -12.95 16.27 7.65
C ILE B 68 -12.88 16.85 9.07
N ASP B 69 -13.55 17.99 9.26
CA ASP B 69 -13.52 18.66 10.55
C ASP B 69 -14.21 17.84 11.65
N ILE B 70 -15.28 17.14 11.27
CA ILE B 70 -15.95 16.24 12.20
C ILE B 70 -14.99 15.14 12.65
N ALA B 71 -14.30 14.53 11.68
CA ALA B 71 -13.31 13.47 11.96
C ALA B 71 -12.12 14.00 12.77
N LEU B 72 -11.65 15.20 12.43
CA LEU B 72 -10.57 15.83 13.17
C LEU B 72 -10.93 16.03 14.64
N GLU B 73 -12.17 16.45 14.90
CA GLU B 73 -12.58 16.66 16.29
C GLU B 73 -12.73 15.37 17.06
N GLN B 74 -13.42 14.40 16.43
CA GLN B 74 -13.56 13.05 16.99
C GLN B 74 -12.26 12.41 17.44
N THR B 75 -11.18 12.68 16.69
CA THR B 75 -9.90 12.03 16.95
C THR B 75 -8.92 12.96 17.68
N ARG B 76 -9.43 14.08 18.18
CA ARG B 76 -8.58 15.04 18.90
C ARG B 76 -7.85 14.42 20.10
N ALA B 77 -6.55 14.68 20.24
CA ALA B 77 -5.73 14.01 21.24
C ALA B 77 -5.43 14.92 22.43
N GLY B 78 -5.76 16.20 22.27
CA GLY B 78 -5.53 17.17 23.31
C GLY B 78 -5.73 18.59 22.81
N ALA B 79 -5.53 19.55 23.70
CA ALA B 79 -5.49 20.95 23.31
C ALA B 79 -4.32 21.19 22.33
N PRO B 80 -4.38 22.28 21.55
CA PRO B 80 -3.26 22.55 20.64
C PRO B 80 -1.87 22.49 21.29
N LEU B 81 -0.92 21.80 20.66
CA LEU B 81 0.42 21.70 21.21
C LEU B 81 1.17 22.94 20.78
N ASP B 82 2.18 23.34 21.55
CA ASP B 82 3.01 24.47 21.15
C ASP B 82 3.57 24.21 19.76
N ASN B 83 3.38 25.17 18.85
CA ASN B 83 3.87 25.00 17.48
C ASN B 83 5.40 25.04 17.39
N LYS B 84 6.05 24.68 18.49
CA LYS B 84 7.47 24.38 18.51
C LYS B 84 7.67 23.08 19.30
N SER B 85 6.67 22.20 19.24
CA SER B 85 6.82 20.87 19.84
C SER B 85 7.04 19.82 18.74
N LYS B 86 7.40 18.63 19.14
CA LYS B 86 7.81 17.61 18.17
C LYS B 86 6.77 16.63 17.64
N ILE B 87 6.82 16.48 16.33
CA ILE B 87 5.78 15.68 15.70
C ILE B 87 6.40 14.70 14.70
N VAL B 88 6.01 13.44 14.80
CA VAL B 88 6.58 12.39 13.95
C VAL B 88 5.49 11.68 13.15
N ASN B 89 5.86 10.92 12.15
CA ASN B 89 4.89 10.23 11.38
C ASN B 89 4.39 9.04 12.12
N SER B 90 3.10 8.89 12.16
CA SER B 90 2.54 7.63 12.65
C SER B 90 2.88 6.49 11.70
N ALA B 91 2.76 5.25 12.20
CA ALA B 91 2.98 4.11 11.33
C ALA B 91 1.94 4.09 10.22
N GLU B 92 0.74 4.59 10.50
CA GLU B 92 -0.28 4.72 9.47
C GLU B 92 0.17 5.61 8.31
N VAL B 93 0.70 6.78 8.65
CA VAL B 93 1.26 7.67 7.63
C VAL B 93 2.49 7.07 6.93
N LYS B 94 3.32 6.29 7.62
CA LYS B 94 4.48 5.70 6.92
C LYS B 94 3.94 4.80 5.81
N GLU B 95 2.81 4.16 6.10
CA GLU B 95 2.15 3.39 5.07
C GLU B 95 1.56 4.23 3.95
N THR B 96 0.89 5.33 4.31
CA THR B 96 0.38 6.26 3.31
C THR B 96 1.48 6.60 2.31
N LEU B 97 2.67 6.89 2.81
CA LEU B 97 3.77 7.35 1.95
C LEU B 97 4.35 6.19 1.13
N ALA B 98 4.51 5.01 1.75
CA ALA B 98 4.88 3.82 0.98
C ALA B 98 3.90 3.53 -0.16
N LEU B 99 2.60 3.65 0.09
CA LEU B 99 1.59 3.45 -0.94
C LEU B 99 1.59 4.54 -2.01
N ALA B 100 1.84 5.79 -1.60
CA ALA B 100 1.93 6.90 -2.55
C ALA B 100 3.09 6.69 -3.49
N GLU B 101 4.22 6.25 -2.94
CA GLU B 101 5.38 5.90 -3.74
C GLU B 101 5.06 4.76 -4.70
N ALA B 102 4.36 3.75 -4.20
CA ALA B 102 3.93 2.63 -5.05
C ALA B 102 3.04 3.04 -6.23
N ALA B 103 2.15 3.97 -5.95
CA ALA B 103 1.17 4.40 -6.94
C ALA B 103 1.87 5.24 -7.98
N ALA B 104 2.81 6.06 -7.51
CA ALA B 104 3.56 6.89 -8.43
C ALA B 104 4.37 6.01 -9.37
N ASN B 105 5.07 5.03 -8.81
CA ASN B 105 5.84 4.12 -9.67
C ASN B 105 4.96 3.37 -10.66
N LYS B 106 3.74 3.11 -10.27
CA LYS B 106 2.84 2.31 -11.09
C LYS B 106 2.41 3.06 -12.31
N TYR B 107 2.14 4.28 -12.05
CA TYR B 107 1.68 5.16 -13.12
C TYR B 107 2.85 5.91 -13.76
N LYS B 108 4.05 5.37 -13.57
CA LYS B 108 5.25 5.79 -14.31
C LYS B 108 5.63 7.23 -14.02
N SER B 109 5.25 7.70 -12.84
CA SER B 109 5.63 9.05 -12.42
C SER B 109 6.94 8.99 -11.64
N PRO B 110 7.93 9.78 -12.07
CA PRO B 110 9.20 9.76 -11.36
C PRO B 110 9.15 10.57 -10.06
N LYS B 111 8.08 11.34 -9.85
CA LYS B 111 7.86 12.00 -8.56
C LYS B 111 6.52 11.66 -7.94
N VAL B 112 6.44 11.75 -6.61
CA VAL B 112 5.18 11.57 -5.91
C VAL B 112 4.40 12.89 -5.91
N ASP B 113 3.24 12.89 -6.56
CA ASP B 113 2.38 14.09 -6.63
C ASP B 113 1.17 13.94 -5.72
N VAL B 114 0.32 14.97 -5.70
CA VAL B 114 -0.84 14.99 -4.82
C VAL B 114 -1.81 13.82 -5.08
N GLU B 115 -2.00 13.44 -6.34
CA GLU B 115 -2.93 12.36 -6.66
C GLU B 115 -2.45 11.04 -6.07
N HIS B 116 -1.13 10.89 -6.01
CA HIS B 116 -0.50 9.66 -5.48
C HIS B 116 -0.62 9.62 -3.96
N LEU B 117 -0.38 10.76 -3.32
CA LEU B 117 -0.73 10.92 -1.91
C LEU B 117 -2.21 10.66 -1.64
N LEU B 118 -3.11 11.18 -2.48
CA LEU B 118 -4.55 10.89 -2.36
C LEU B 118 -4.83 9.39 -2.41
N SER B 119 -4.18 8.69 -3.35
CA SER B 119 -4.35 7.24 -3.45
C SER B 119 -3.89 6.55 -2.17
N GLY B 120 -2.74 7.00 -1.65
CA GLY B 120 -2.21 6.43 -0.41
C GLY B 120 -3.16 6.67 0.75
N LEU B 121 -3.68 7.89 0.86
CA LEU B 121 -4.62 8.21 1.94
C LEU B 121 -5.89 7.34 1.95
N SER B 122 -6.32 6.90 0.79
CA SER B 122 -7.50 6.08 0.71
C SER B 122 -7.39 4.72 1.43
N ASN B 123 -6.17 4.29 1.74
CA ASN B 123 -5.97 3.10 2.57
C ASN B 123 -6.46 3.25 4.01
N ASP B 124 -6.41 4.47 4.53
CA ASP B 124 -6.78 4.70 5.92
C ASP B 124 -8.28 4.55 6.10
N GLU B 125 -8.70 3.85 7.14
CA GLU B 125 -10.13 3.56 7.31
C GLU B 125 -10.96 4.80 7.53
N LEU B 126 -10.48 5.72 8.35
CA LEU B 126 -11.19 6.98 8.61
C LEU B 126 -11.31 7.79 7.34
N VAL B 127 -10.20 7.97 6.64
CA VAL B 127 -10.20 8.72 5.39
C VAL B 127 -11.08 8.05 4.35
N ASN B 128 -10.98 6.73 4.23
CA ASN B 128 -11.76 6.05 3.22
C ASN B 128 -13.27 6.13 3.49
N GLU B 129 -13.68 6.15 4.76
CA GLU B 129 -15.10 6.35 5.09
C GLU B 129 -15.54 7.70 4.52
N ILE B 130 -14.71 8.72 4.72
CA ILE B 130 -15.01 10.05 4.21
C ILE B 130 -15.12 10.08 2.69
N PHE B 131 -14.14 9.51 1.99
CA PHE B 131 -14.15 9.43 0.54
C PHE B 131 -15.43 8.77 0.03
N ASN B 132 -15.82 7.66 0.65
CA ASN B 132 -17.00 6.94 0.21
C ASN B 132 -18.29 7.72 0.43
N GLU B 133 -18.25 8.67 1.36
CA GLU B 133 -19.42 9.50 1.63
C GLU B 133 -19.54 10.70 0.69
N VAL B 134 -18.42 11.10 0.09
CA VAL B 134 -18.46 12.12 -0.96
C VAL B 134 -18.31 11.40 -2.28
N TYR B 135 -18.68 10.11 -2.27
CA TYR B 135 -18.85 9.35 -3.51
C TYR B 135 -17.55 9.24 -4.31
N LEU B 136 -16.43 9.46 -3.64
CA LEU B 136 -15.10 9.31 -4.27
C LEU B 136 -14.60 7.90 -3.99
N THR B 137 -14.97 6.97 -4.86
CA THR B 137 -14.65 5.56 -4.66
C THR B 137 -13.24 5.21 -5.09
N ASP B 138 -12.85 3.96 -4.79
CA ASP B 138 -11.57 3.43 -5.23
C ASP B 138 -11.42 3.47 -6.76
N GLU B 139 -12.50 3.08 -7.45
CA GLU B 139 -12.56 3.14 -8.90
C GLU B 139 -12.31 4.57 -9.38
N ALA B 140 -12.96 5.54 -8.71
CA ALA B 140 -12.80 6.94 -9.07
C ALA B 140 -11.37 7.41 -8.86
N ILE B 141 -10.73 6.92 -7.78
CA ILE B 141 -9.34 7.34 -7.56
C ILE B 141 -8.40 6.80 -8.63
N LYS B 142 -8.60 5.47 -8.89
CA LYS B 142 -7.75 5.00 -9.98
C LYS B 142 -8.07 5.71 -11.29
N ALA B 143 -9.17 6.19 -11.61
CA ALA B 143 -9.41 6.98 -12.82
C ALA B 143 -8.66 8.32 -12.78
N ILE B 144 -8.65 8.97 -11.62
CA ILE B 144 -7.85 10.18 -11.44
C ILE B 144 -6.39 9.91 -11.78
N LEU B 145 -5.88 8.78 -11.27
CA LEU B 145 -4.49 8.43 -11.51
C LEU B 145 -4.23 8.08 -12.97
N LYS B 146 -5.17 7.36 -13.57
CA LYS B 146 -5.07 6.98 -14.98
C LYS B 146 -5.10 8.23 -15.85
N ARG B 147 -6.05 9.13 -15.59
CA ARG B 147 -6.15 10.38 -16.35
C ARG B 147 -4.89 11.25 -16.21
N LYS B 148 -4.28 11.36 -15.05
CA LYS B 148 -3.02 12.07 -14.96
C LYS B 148 -1.92 11.50 -15.87
N PHE B 149 -1.83 10.18 -15.83
CA PHE B 149 -0.93 9.49 -16.73
C PHE B 149 -1.30 9.77 -18.19
N GLU B 150 -2.58 9.77 -18.51
CA GLU B 150 -3.01 9.97 -19.88
C GLU B 150 -2.58 11.33 -20.39
N LYS B 151 -2.34 12.27 -19.49
CA LYS B 151 -2.03 13.63 -19.89
C LYS B 151 -0.58 13.78 -20.30
N THR B 152 0.19 12.71 -20.29
CA THR B 152 0.95 12.43 -21.52
C THR B 152 0.18 11.67 -22.58
#